data_2XG8
#
_entry.id   2XG8
#
_cell.length_a   111.383
_cell.length_b   61.585
_cell.length_c   112.979
_cell.angle_alpha   90.00
_cell.angle_beta   126.44
_cell.angle_gamma   90.00
#
_symmetry.space_group_name_H-M   'C 1 2 1'
#
loop_
_entity.id
_entity.type
_entity.pdbx_description
1 polymer 'NITROGEN REGULATORY PROTEIN P-II'
2 polymer PIPX
3 water water
#
loop_
_entity_poly.entity_id
_entity_poly.type
_entity_poly.pdbx_seq_one_letter_code
_entity_poly.pdbx_strand_id
1 'polypeptide(L)'
;MKKIEAIIRPFKLDEVKIALVNAGIVGMTVSEVRGFGRQKGQTERYRGSEYTVEFLQKLKLEIVVEDAQVDTVIDKIVAA
ARTGEIGDGKIFVSPVDQTIRIRTGEKNADAI
;
A,B,C
2 'polypeptide(L)'
;MASENYLNHPTFGLLYQICSFGDSKELFATLYAQRLFFLVAFDARGTRFEPIGRNEARMLVDNRLRQLRRDASLQEYNQL
QQVFKQTFL
;
D,E,F
#
# COMPACT_ATOMS: atom_id res chain seq x y z
N MET A 1 0.29 6.66 27.47
CA MET A 1 0.30 5.59 26.43
C MET A 1 0.84 6.14 25.11
N LYS A 2 1.77 5.41 24.50
CA LYS A 2 2.53 5.94 23.38
C LYS A 2 2.64 5.01 22.17
N LYS A 3 2.77 5.63 21.00
CA LYS A 3 2.89 4.91 19.75
C LYS A 3 4.35 4.88 19.32
N ILE A 4 4.81 3.70 18.92
CA ILE A 4 6.13 3.50 18.36
C ILE A 4 5.97 3.21 16.88
N GLU A 5 6.46 4.13 16.04
CA GLU A 5 6.57 3.91 14.59
C GLU A 5 8.00 3.50 14.33
N ALA A 6 8.20 2.35 13.69
CA ALA A 6 9.54 1.88 13.33
C ALA A 6 9.61 1.70 11.82
N ILE A 7 10.39 2.54 11.14
CA ILE A 7 10.69 2.32 9.72
C ILE A 7 11.90 1.42 9.64
N ILE A 8 11.75 0.27 8.99
CA ILE A 8 12.78 -0.76 8.99
C ILE A 8 12.92 -1.38 7.62
N ARG A 9 13.96 -2.21 7.46
CA ARG A 9 14.19 -2.91 6.21
C ARG A 9 13.17 -4.02 6.13
N PRO A 10 12.46 -4.13 5.00
CA PRO A 10 11.36 -5.09 4.91
C PRO A 10 11.70 -6.54 5.30
N PHE A 11 12.87 -7.05 4.94
CA PHE A 11 13.20 -8.45 5.24
C PHE A 11 13.40 -8.70 6.74
N LYS A 12 13.54 -7.63 7.52
CA LYS A 12 13.71 -7.73 8.97
C LYS A 12 12.39 -7.94 9.74
N LEU A 13 11.26 -7.82 9.05
CA LEU A 13 9.95 -7.98 9.69
C LEU A 13 9.88 -9.18 10.62
N ASP A 14 10.20 -10.36 10.08
CA ASP A 14 10.11 -11.59 10.87
C ASP A 14 10.96 -11.53 12.13
N GLU A 15 12.19 -11.04 12.01
CA GLU A 15 13.09 -10.99 13.17
C GLU A 15 12.55 -10.03 14.22
N VAL A 16 11.96 -8.93 13.76
CA VAL A 16 11.35 -7.93 14.64
C VAL A 16 10.09 -8.49 15.29
N LYS A 17 9.18 -8.98 14.45
CA LYS A 17 7.94 -9.62 14.91
C LYS A 17 8.21 -10.59 16.05
N ILE A 18 9.21 -11.45 15.88
CA ILE A 18 9.54 -12.43 16.92
C ILE A 18 9.93 -11.71 18.20
N ALA A 19 10.85 -10.77 18.09
CA ALA A 19 11.30 -10.02 19.26
C ALA A 19 10.12 -9.40 20.02
N LEU A 20 9.26 -8.71 19.28
CA LEU A 20 8.07 -8.08 19.87
C LEU A 20 7.12 -9.11 20.49
N VAL A 21 6.94 -10.24 19.82
CA VAL A 21 6.09 -11.30 20.35
C VAL A 21 6.67 -11.88 21.64
N ASN A 22 8.00 -11.94 21.72
CA ASN A 22 8.68 -12.36 22.95
C ASN A 22 8.57 -11.34 24.06
N ALA A 23 8.41 -10.07 23.68
CA ALA A 23 8.11 -9.01 24.64
C ALA A 23 6.60 -8.92 24.93
N GLY A 24 5.84 -9.89 24.42
CA GLY A 24 4.39 -9.90 24.59
C GLY A 24 3.72 -8.67 24.00
N ILE A 25 4.18 -8.27 22.83
CA ILE A 25 3.59 -7.14 22.12
C ILE A 25 2.81 -7.71 20.96
N VAL A 26 1.57 -8.09 21.20
CA VAL A 26 0.77 -8.80 20.20
C VAL A 26 0.09 -7.91 19.15
N GLY A 27 -0.14 -6.65 19.49
CA GLY A 27 -0.89 -5.75 18.60
C GLY A 27 -0.01 -4.83 17.76
N MET A 28 0.44 -5.31 16.60
CA MET A 28 1.22 -4.47 15.69
C MET A 28 0.60 -4.44 14.30
N THR A 29 0.78 -3.30 13.63
CA THR A 29 0.31 -3.12 12.28
C THR A 29 1.47 -2.63 11.38
N VAL A 30 1.50 -3.14 10.16
CA VAL A 30 2.60 -2.91 9.20
C VAL A 30 2.10 -2.25 7.91
N SER A 31 2.82 -1.24 7.43
CA SER A 31 2.51 -0.64 6.13
C SER A 31 3.77 -0.47 5.27
N GLU A 32 3.54 -0.40 3.96
CA GLU A 32 4.63 -0.30 3.00
C GLU A 32 4.90 1.16 2.68
N VAL A 33 6.13 1.60 2.93
CA VAL A 33 6.55 2.97 2.64
C VAL A 33 7.85 2.98 1.86
N ARG A 34 8.23 4.18 1.42
CA ARG A 34 9.53 4.43 0.81
C ARG A 34 10.22 5.54 1.57
N GLY A 35 11.49 5.35 1.88
CA GLY A 35 12.27 6.35 2.64
C GLY A 35 13.31 7.03 1.78
N PHE A 36 13.69 8.24 2.16
CA PHE A 36 14.70 9.01 1.41
C PHE A 36 16.11 8.55 1.76
N GLY A 37 16.98 8.66 0.76
CA GLY A 37 18.34 8.17 0.83
C GLY A 37 19.02 8.36 -0.52
N ARG A 38 19.99 7.51 -0.82
CA ARG A 38 20.72 7.61 -2.10
C ARG A 38 21.29 6.31 -2.73
N GLN A 39 22.00 5.41 -2.03
CA GLN A 39 22.41 5.46 -0.60
C GLN A 39 21.31 4.99 0.34
N GLU A 44 21.99 2.04 -10.81
CA GLU A 44 21.74 0.65 -11.21
C GLU A 44 21.18 0.59 -12.62
N ARG A 45 20.89 -0.61 -13.12
CA ARG A 45 20.24 -0.80 -14.44
C ARG A 45 19.05 -1.75 -14.34
N TYR A 46 18.23 -1.79 -15.40
CA TYR A 46 17.00 -2.61 -15.40
C TYR A 46 16.99 -3.47 -16.67
N ARG A 47 16.94 -2.83 -17.82
CA ARG A 47 17.64 -3.33 -19.00
C ARG A 47 17.62 -2.17 -19.99
N GLY A 48 18.63 -1.29 -19.91
CA GLY A 48 18.79 -0.23 -20.90
C GLY A 48 17.45 0.46 -21.12
N SER A 49 17.19 1.57 -20.39
CA SER A 49 18.21 2.38 -19.72
C SER A 49 18.61 1.92 -18.31
N GLU A 50 19.58 2.65 -17.76
CA GLU A 50 20.05 2.49 -16.39
C GLU A 50 19.60 3.71 -15.58
N TYR A 51 19.42 3.53 -14.27
CA TYR A 51 18.74 4.52 -13.44
C TYR A 51 19.28 4.62 -12.03
N THR A 52 18.85 5.66 -11.33
CA THR A 52 19.13 5.85 -9.91
C THR A 52 17.83 5.93 -9.12
N VAL A 53 17.84 5.44 -7.88
CA VAL A 53 16.63 5.37 -7.05
C VAL A 53 16.81 6.14 -5.73
N GLU A 54 15.97 7.14 -5.52
CA GLU A 54 16.06 8.00 -4.35
C GLU A 54 15.20 7.53 -3.18
N PHE A 55 14.15 6.76 -3.50
CA PHE A 55 13.20 6.31 -2.48
C PHE A 55 13.17 4.79 -2.41
N LEU A 56 13.71 4.25 -1.32
CA LEU A 56 13.91 2.80 -1.18
C LEU A 56 12.81 2.13 -0.37
N GLN A 57 12.39 0.94 -0.81
CA GLN A 57 11.34 0.17 -0.12
C GLN A 57 11.67 -0.14 1.31
N LYS A 58 10.87 0.42 2.21
CA LYS A 58 10.96 0.15 3.64
C LYS A 58 9.60 -0.23 4.18
N LEU A 59 9.56 -0.74 5.40
CA LEU A 59 8.30 -1.09 6.08
C LEU A 59 8.11 -0.30 7.34
N LYS A 60 6.89 0.16 7.57
CA LYS A 60 6.55 0.92 8.79
C LYS A 60 5.70 0.09 9.77
N LEU A 61 6.35 -0.36 10.83
CA LEU A 61 5.66 -1.00 11.96
C LEU A 61 5.08 0.04 12.90
N GLU A 62 3.80 -0.10 13.22
CA GLU A 62 3.15 0.75 14.21
C GLU A 62 2.71 -0.15 15.34
N ILE A 63 3.13 0.16 16.56
CA ILE A 63 2.60 -0.51 17.75
C ILE A 63 2.36 0.56 18.81
N VAL A 64 1.41 0.28 19.69
CA VAL A 64 1.11 1.18 20.81
C VAL A 64 1.35 0.45 22.14
N VAL A 65 2.01 1.13 23.08
CA VAL A 65 2.44 0.50 24.32
C VAL A 65 2.29 1.43 25.51
N GLU A 66 2.47 0.89 26.71
CA GLU A 66 2.44 1.69 27.93
C GLU A 66 3.76 2.44 28.08
N ASP A 67 3.71 3.57 28.77
CA ASP A 67 4.88 4.45 28.90
C ASP A 67 6.11 3.73 29.47
N ALA A 68 5.88 2.85 30.43
CA ALA A 68 6.97 2.06 31.04
C ALA A 68 7.69 1.15 30.03
N GLN A 69 6.91 0.51 29.17
CA GLN A 69 7.43 -0.49 28.25
C GLN A 69 8.29 0.10 27.12
N VAL A 70 8.09 1.38 26.81
CA VAL A 70 8.74 2.00 25.66
C VAL A 70 10.23 1.69 25.59
N ASP A 71 10.98 2.12 26.60
CA ASP A 71 12.43 1.95 26.60
C ASP A 71 12.85 0.53 26.23
N THR A 72 12.15 -0.46 26.77
CA THR A 72 12.43 -1.86 26.47
C THR A 72 12.11 -2.20 25.02
N VAL A 73 10.88 -1.94 24.63
CA VAL A 73 10.40 -2.22 23.27
C VAL A 73 11.33 -1.61 22.22
N ILE A 74 11.80 -0.40 22.48
CA ILE A 74 12.75 0.26 21.58
C ILE A 74 14.03 -0.56 21.45
N ASP A 75 14.64 -0.89 22.58
CA ASP A 75 15.91 -1.61 22.58
C ASP A 75 15.81 -2.94 21.85
N LYS A 76 14.68 -3.63 22.02
CA LYS A 76 14.46 -4.93 21.39
C LYS A 76 14.34 -4.82 19.89
N ILE A 77 13.60 -3.81 19.43
CA ILE A 77 13.44 -3.54 18.01
C ILE A 77 14.78 -3.19 17.37
N VAL A 78 15.53 -2.32 18.03
CA VAL A 78 16.83 -1.90 17.53
C VAL A 78 17.70 -3.13 17.30
N ALA A 79 17.90 -3.91 18.35
CA ALA A 79 18.69 -5.14 18.26
C ALA A 79 18.24 -6.00 17.09
N ALA A 80 16.94 -6.17 16.95
CA ALA A 80 16.37 -7.03 15.92
C ALA A 80 16.63 -6.48 14.53
N ALA A 81 16.43 -5.17 14.37
CA ALA A 81 16.33 -4.58 13.04
C ALA A 81 17.64 -4.11 12.45
N ARG A 82 18.64 -3.85 13.30
CA ARG A 82 19.88 -3.23 12.82
C ARG A 82 20.74 -4.22 12.04
N THR A 83 21.51 -3.67 11.10
CA THR A 83 22.39 -4.46 10.24
C THR A 83 23.70 -3.76 9.97
N GLY A 84 24.09 -2.84 10.84
CA GLY A 84 25.39 -2.20 10.72
C GLY A 84 25.47 -1.10 9.69
N GLU A 85 25.20 -1.41 8.43
CA GLU A 85 25.43 -0.46 7.34
C GLU A 85 24.19 0.45 7.14
N ILE A 86 24.35 1.54 6.39
CA ILE A 86 23.30 2.57 6.27
C ILE A 86 22.03 2.03 5.64
N GLY A 87 20.91 2.68 5.95
CA GLY A 87 19.60 2.24 5.51
C GLY A 87 18.81 1.47 6.57
N ASP A 88 19.39 1.33 7.77
CA ASP A 88 18.76 0.57 8.85
C ASP A 88 17.43 1.16 9.31
N GLY A 89 17.31 2.47 9.25
CA GLY A 89 16.04 3.12 9.55
C GLY A 89 16.01 3.86 10.87
N LYS A 90 14.81 4.22 11.30
CA LYS A 90 14.62 5.09 12.45
C LYS A 90 13.34 4.73 13.18
N ILE A 91 13.22 5.20 14.41
CA ILE A 91 12.06 4.89 15.26
C ILE A 91 11.48 6.17 15.86
N PHE A 92 10.19 6.41 15.64
CA PHE A 92 9.54 7.58 16.20
C PHE A 92 8.58 7.19 17.31
N VAL A 93 8.73 7.83 18.46
CA VAL A 93 7.83 7.65 19.59
C VAL A 93 6.95 8.88 19.75
N SER A 94 5.64 8.67 19.79
CA SER A 94 4.68 9.76 19.88
C SER A 94 3.56 9.37 20.83
N PRO A 95 2.82 10.36 21.38
CA PRO A 95 1.77 10.11 22.35
C PRO A 95 0.46 9.60 21.75
N VAL A 96 -0.36 8.98 22.58
CA VAL A 96 -1.68 8.49 22.19
C VAL A 96 -2.64 8.66 23.36
N ASP A 97 -3.77 9.30 23.10
CA ASP A 97 -4.72 9.65 24.17
C ASP A 97 -5.54 8.47 24.65
N GLN A 98 -6.06 7.71 23.69
CA GLN A 98 -6.81 6.52 24.00
C GLN A 98 -6.88 5.56 22.83
N THR A 99 -7.08 4.29 23.14
CA THR A 99 -7.29 3.25 22.13
C THR A 99 -8.61 2.59 22.40
N ILE A 100 -9.36 2.28 21.36
CA ILE A 100 -10.62 1.57 21.51
C ILE A 100 -10.60 0.34 20.64
N ARG A 101 -11.17 -0.76 21.13
CA ARG A 101 -11.29 -1.99 20.37
C ARG A 101 -12.67 -2.07 19.78
N ILE A 102 -12.75 -2.35 18.49
CA ILE A 102 -14.02 -2.26 17.76
C ILE A 102 -14.98 -3.40 18.13
N ARG A 103 -14.45 -4.60 18.30
CA ARG A 103 -15.25 -5.78 18.62
C ARG A 103 -15.97 -5.69 19.96
N THR A 104 -15.37 -5.02 20.94
CA THR A 104 -15.90 -5.00 22.30
C THR A 104 -16.24 -3.60 22.80
N GLY A 105 -15.45 -2.60 22.41
CA GLY A 105 -15.61 -1.21 22.86
C GLY A 105 -14.68 -0.81 24.00
N GLU A 106 -13.65 -1.63 24.24
CA GLU A 106 -12.76 -1.45 25.39
C GLU A 106 -11.80 -0.28 25.23
N LYS A 107 -11.98 0.75 26.05
CA LYS A 107 -11.07 1.88 26.09
C LYS A 107 -9.89 1.59 27.00
N ASN A 108 -8.67 1.80 26.51
CA ASN A 108 -7.50 1.89 27.39
C ASN A 108 -7.03 3.33 27.34
N ALA A 109 -6.86 3.98 28.50
CA ALA A 109 -6.47 5.40 28.51
C ALA A 109 -5.69 5.81 29.77
N ASP A 110 -5.04 6.98 29.69
CA ASP A 110 -4.11 7.46 30.71
C ASP A 110 -2.98 6.47 30.93
N MET B 1 -7.21 19.64 19.15
CA MET B 1 -7.53 18.97 17.86
C MET B 1 -6.82 17.64 17.78
N LYS B 2 -7.55 16.59 17.38
CA LYS B 2 -7.03 15.23 17.47
C LYS B 2 -7.24 14.38 16.22
N LYS B 3 -6.34 13.42 16.04
CA LYS B 3 -6.35 12.51 14.91
C LYS B 3 -6.90 11.16 15.33
N ILE B 4 -7.83 10.66 14.53
CA ILE B 4 -8.39 9.34 14.71
C ILE B 4 -7.83 8.44 13.61
N GLU B 5 -7.04 7.45 14.02
CA GLU B 5 -6.60 6.37 13.14
C GLU B 5 -7.53 5.19 13.39
N ALA B 6 -8.17 4.68 12.34
CA ALA B 6 -9.04 3.52 12.46
C ALA B 6 -8.57 2.40 11.54
N ILE B 7 -8.02 1.33 12.09
CA ILE B 7 -7.69 0.15 11.29
C ILE B 7 -8.94 -0.74 11.24
N ILE B 8 -9.42 -0.99 10.03
CA ILE B 8 -10.71 -1.64 9.83
C ILE B 8 -10.60 -2.67 8.73
N ARG B 9 -11.67 -3.44 8.55
CA ARG B 9 -11.73 -4.42 7.47
C ARG B 9 -11.97 -3.66 6.18
N PRO B 10 -11.20 -3.95 5.13
CA PRO B 10 -11.30 -3.17 3.93
C PRO B 10 -12.71 -3.02 3.34
N PHE B 11 -13.50 -4.08 3.33
CA PHE B 11 -14.83 -4.02 2.70
C PHE B 11 -15.80 -3.09 3.45
N LYS B 12 -15.44 -2.71 4.67
CA LYS B 12 -16.27 -1.83 5.50
C LYS B 12 -16.08 -0.35 5.16
N LEU B 13 -15.12 -0.03 4.31
CA LEU B 13 -14.85 1.36 3.95
C LEU B 13 -16.13 2.13 3.62
N ASP B 14 -16.90 1.62 2.66
CA ASP B 14 -18.11 2.31 2.22
C ASP B 14 -19.07 2.59 3.36
N GLU B 15 -19.28 1.59 4.21
CA GLU B 15 -20.21 1.75 5.33
C GLU B 15 -19.70 2.81 6.32
N VAL B 16 -18.38 2.82 6.52
CA VAL B 16 -17.75 3.81 7.40
C VAL B 16 -17.81 5.20 6.77
N LYS B 17 -17.32 5.30 5.53
CA LYS B 17 -17.36 6.54 4.78
C LYS B 17 -18.71 7.21 4.89
N ILE B 18 -19.78 6.44 4.68
CA ILE B 18 -21.13 6.99 4.75
C ILE B 18 -21.39 7.56 6.13
N ALA B 19 -21.12 6.76 7.16
CA ALA B 19 -21.33 7.21 8.54
C ALA B 19 -20.61 8.52 8.80
N LEU B 20 -19.32 8.57 8.44
CA LEU B 20 -18.52 9.79 8.63
C LEU B 20 -19.07 10.97 7.84
N VAL B 21 -19.52 10.71 6.61
CA VAL B 21 -20.10 11.76 5.78
C VAL B 21 -21.40 12.27 6.39
N ASN B 22 -22.14 11.38 7.05
CA ASN B 22 -23.34 11.78 7.78
C ASN B 22 -23.03 12.55 9.05
N ALA B 23 -21.85 12.34 9.60
CA ALA B 23 -21.35 13.15 10.70
C ALA B 23 -20.65 14.41 10.18
N GLY B 24 -20.79 14.70 8.89
CA GLY B 24 -20.13 15.85 8.28
C GLY B 24 -18.63 15.83 8.46
N ILE B 25 -18.04 14.65 8.31
CA ILE B 25 -16.59 14.49 8.42
C ILE B 25 -16.05 14.29 7.01
N VAL B 26 -15.82 15.38 6.30
CA VAL B 26 -15.46 15.29 4.88
C VAL B 26 -13.98 14.97 4.62
N GLY B 27 -13.11 15.28 5.55
CA GLY B 27 -11.68 15.14 5.30
C GLY B 27 -11.06 13.87 5.84
N MET B 28 -11.13 12.79 5.08
CA MET B 28 -10.50 11.53 5.50
C MET B 28 -9.55 10.97 4.45
N THR B 29 -8.51 10.31 4.93
CA THR B 29 -7.52 9.70 4.07
C THR B 29 -7.33 8.23 4.46
N VAL B 30 -7.14 7.39 3.44
CA VAL B 30 -7.11 5.94 3.59
C VAL B 30 -5.80 5.35 3.08
N SER B 31 -5.23 4.43 3.83
CA SER B 31 -4.05 3.69 3.37
C SER B 31 -4.19 2.19 3.60
N GLU B 32 -3.43 1.42 2.82
CA GLU B 32 -3.48 -0.04 2.88
C GLU B 32 -2.40 -0.57 3.81
N VAL B 33 -2.82 -1.29 4.86
CA VAL B 33 -1.91 -1.87 5.83
C VAL B 33 -2.24 -3.33 6.04
N ARG B 34 -1.37 -4.01 6.79
CA ARG B 34 -1.56 -5.38 7.22
C ARG B 34 -1.45 -5.39 8.72
N GLY B 35 -2.36 -6.10 9.39
CA GLY B 35 -2.36 -6.22 10.86
C GLY B 35 -2.01 -7.62 11.35
N PHE B 36 -1.47 -7.72 12.56
CA PHE B 36 -1.13 -9.02 13.20
C PHE B 36 -2.39 -9.59 13.93
N GLY B 37 -2.47 -10.80 14.50
CA GLY B 37 -1.50 -11.90 14.48
C GLY B 37 -1.42 -13.31 15.10
N ARG B 38 -2.27 -14.22 14.59
CA ARG B 38 -2.65 -15.56 15.15
C ARG B 38 -3.58 -16.34 14.17
N GLN B 39 -4.78 -15.84 13.82
CA GLN B 39 -5.44 -14.67 14.44
C GLN B 39 -6.99 -14.70 14.60
N LYS B 40 -7.67 -15.84 14.83
CA LYS B 40 -7.22 -17.21 14.57
C LYS B 40 -8.01 -17.67 13.33
N GLY B 41 -7.89 -18.95 13.00
CA GLY B 41 -8.58 -19.54 11.84
C GLY B 41 -7.70 -19.73 10.61
N GLN B 42 -6.54 -19.07 10.59
CA GLN B 42 -5.63 -19.10 9.42
C GLN B 42 -4.93 -20.45 9.19
N THR B 43 -5.25 -21.06 8.06
CA THR B 43 -4.51 -22.18 7.49
C THR B 43 -5.14 -22.47 6.14
N GLU B 44 -4.43 -22.17 5.05
CA GLU B 44 -5.07 -22.15 3.74
C GLU B 44 -4.18 -22.77 2.67
N ARG B 45 -4.72 -22.85 1.44
CA ARG B 45 -3.94 -23.30 0.28
C ARG B 45 -4.08 -22.33 -0.89
N TYR B 46 -3.24 -22.52 -1.92
CA TYR B 46 -3.22 -21.61 -3.07
C TYR B 46 -2.88 -22.10 -4.47
N ARG B 47 -2.08 -23.16 -4.65
CA ARG B 47 -2.54 -24.49 -5.04
C ARG B 47 -1.36 -25.46 -5.04
N GLY B 48 -1.02 -25.92 -3.84
CA GLY B 48 0.14 -26.80 -3.63
C GLY B 48 1.43 -26.04 -3.92
N SER B 49 2.03 -25.42 -2.91
CA SER B 49 1.80 -25.73 -1.49
C SER B 49 0.62 -25.00 -0.82
N GLU B 50 0.41 -25.36 0.44
CA GLU B 50 -0.56 -24.72 1.32
C GLU B 50 0.20 -23.93 2.39
N TYR B 51 -0.44 -22.89 2.92
CA TYR B 51 0.27 -21.89 3.72
C TYR B 51 -0.58 -21.30 4.85
N THR B 52 0.10 -20.57 5.74
CA THR B 52 -0.57 -19.80 6.78
C THR B 52 -0.18 -18.33 6.66
N VAL B 53 -1.11 -17.44 7.02
CA VAL B 53 -0.91 -15.99 6.86
C VAL B 53 -1.03 -15.28 8.21
N GLU B 54 0.03 -14.58 8.61
CA GLU B 54 0.07 -13.87 9.90
C GLU B 54 -0.36 -12.41 9.81
N PHE B 55 -0.25 -11.82 8.63
CA PHE B 55 -0.55 -10.41 8.41
C PHE B 55 -1.69 -10.24 7.40
N LEU B 56 -2.85 -9.83 7.89
CA LEU B 56 -4.07 -9.79 7.10
C LEU B 56 -4.41 -8.39 6.57
N GLN B 57 -4.83 -8.31 5.31
CA GLN B 57 -5.14 -7.03 4.66
C GLN B 57 -6.19 -6.24 5.44
N LYS B 58 -5.78 -5.08 5.91
CA LYS B 58 -6.68 -4.14 6.56
C LYS B 58 -6.50 -2.76 5.93
N LEU B 59 -7.41 -1.84 6.25
CA LEU B 59 -7.33 -0.46 5.78
C LEU B 59 -7.22 0.52 6.94
N LYS B 60 -6.35 1.52 6.79
CA LYS B 60 -6.16 2.56 7.82
C LYS B 60 -6.79 3.88 7.40
N LEU B 61 -7.92 4.20 8.01
CA LEU B 61 -8.55 5.52 7.89
C LEU B 61 -7.88 6.52 8.84
N GLU B 62 -7.49 7.67 8.30
CA GLU B 62 -7.01 8.77 9.11
C GLU B 62 -7.95 9.95 8.93
N ILE B 63 -8.48 10.47 10.03
CA ILE B 63 -9.24 11.72 9.99
C ILE B 63 -8.84 12.55 11.19
N VAL B 64 -8.94 13.87 11.04
CA VAL B 64 -8.64 14.79 12.14
C VAL B 64 -9.89 15.60 12.49
N VAL B 65 -10.14 15.73 13.78
CA VAL B 65 -11.39 16.32 14.27
C VAL B 65 -11.16 17.17 15.50
N GLU B 66 -12.19 17.94 15.88
CA GLU B 66 -12.14 18.76 17.09
C GLU B 66 -12.33 17.86 18.30
N ASP B 67 -11.80 18.30 19.45
CA ASP B 67 -11.82 17.47 20.67
C ASP B 67 -13.22 17.05 21.10
N ALA B 68 -14.18 17.94 20.92
CA ALA B 68 -15.59 17.66 21.24
C ALA B 68 -16.17 16.51 20.40
N GLN B 69 -15.84 16.52 19.12
CA GLN B 69 -16.43 15.57 18.16
C GLN B 69 -15.91 14.14 18.32
N VAL B 70 -14.74 13.97 18.92
CA VAL B 70 -14.10 12.66 19.03
C VAL B 70 -15.06 11.56 19.49
N ASP B 71 -15.59 11.69 20.70
CA ASP B 71 -16.46 10.67 21.27
C ASP B 71 -17.56 10.21 20.32
N THR B 72 -18.16 11.16 19.62
CA THR B 72 -19.21 10.85 18.63
C THR B 72 -18.62 10.09 17.46
N VAL B 73 -17.63 10.70 16.81
CA VAL B 73 -16.99 10.11 15.64
C VAL B 73 -16.55 8.67 15.91
N ILE B 74 -16.01 8.43 17.10
CA ILE B 74 -15.61 7.09 17.50
C ILE B 74 -16.81 6.16 17.48
N ASP B 75 -17.86 6.52 18.19
CA ASP B 75 -19.05 5.66 18.30
C ASP B 75 -19.62 5.30 16.93
N LYS B 76 -19.62 6.28 16.02
CA LYS B 76 -20.18 6.09 14.68
C LYS B 76 -19.36 5.11 13.86
N ILE B 77 -18.05 5.25 13.95
CA ILE B 77 -17.11 4.36 13.26
C ILE B 77 -17.28 2.94 13.76
N VAL B 78 -17.29 2.79 15.09
CA VAL B 78 -17.44 1.48 15.72
C VAL B 78 -18.68 0.78 15.17
N ALA B 79 -19.83 1.44 15.34
CA ALA B 79 -21.09 0.90 14.82
C ALA B 79 -20.94 0.46 13.37
N ALA B 80 -20.34 1.32 12.55
CA ALA B 80 -20.23 1.07 11.11
C ALA B 80 -19.34 -0.13 10.82
N ALA B 81 -18.21 -0.20 11.52
CA ALA B 81 -17.12 -1.09 11.14
C ALA B 81 -17.20 -2.48 11.76
N ARG B 82 -17.88 -2.62 12.89
CA ARG B 82 -17.84 -3.88 13.64
C ARG B 82 -18.64 -4.98 12.96
N THR B 83 -18.22 -6.22 13.16
CA THR B 83 -18.89 -7.38 12.57
C THR B 83 -18.91 -8.55 13.52
N GLY B 84 -18.85 -8.30 14.82
CA GLY B 84 -18.97 -9.36 15.81
C GLY B 84 -17.72 -10.19 16.02
N GLU B 85 -17.25 -10.86 14.98
CA GLU B 85 -16.17 -11.85 15.13
C GLU B 85 -14.81 -11.17 15.05
N ILE B 86 -13.75 -11.88 15.44
CA ILE B 86 -12.41 -11.28 15.59
C ILE B 86 -11.86 -10.79 14.27
N GLY B 87 -10.97 -9.80 14.35
CA GLY B 87 -10.42 -9.15 13.15
C GLY B 87 -11.06 -7.80 12.84
N ASP B 88 -11.98 -7.36 13.70
CA ASP B 88 -12.71 -6.10 13.49
C ASP B 88 -11.81 -4.87 13.49
N GLY B 89 -10.76 -4.92 14.30
CA GLY B 89 -9.76 -3.86 14.31
C GLY B 89 -9.82 -2.98 15.53
N LYS B 90 -9.14 -1.84 15.43
CA LYS B 90 -8.92 -0.97 16.58
C LYS B 90 -8.89 0.48 16.13
N ILE B 91 -9.00 1.39 17.08
CA ILE B 91 -9.01 2.83 16.79
C ILE B 91 -8.06 3.57 17.73
N PHE B 92 -7.14 4.34 17.16
CA PHE B 92 -6.18 5.11 17.95
C PHE B 92 -6.48 6.60 17.83
N VAL B 93 -6.59 7.25 19.00
CA VAL B 93 -6.78 8.69 19.06
C VAL B 93 -5.49 9.34 19.56
N SER B 94 -5.01 10.34 18.82
CA SER B 94 -3.75 11.01 19.13
C SER B 94 -3.88 12.50 18.84
N PRO B 95 -3.02 13.33 19.47
CA PRO B 95 -3.13 14.77 19.34
C PRO B 95 -2.55 15.30 18.03
N VAL B 96 -2.96 16.52 17.69
CA VAL B 96 -2.46 17.23 16.51
C VAL B 96 -2.38 18.72 16.82
N ASP B 97 -1.22 19.32 16.58
CA ASP B 97 -0.98 20.71 16.97
C ASP B 97 -1.62 21.69 16.03
N GLN B 98 -1.48 21.44 14.73
CA GLN B 98 -2.12 22.28 13.74
C GLN B 98 -2.25 21.57 12.40
N THR B 99 -3.21 22.04 11.62
CA THR B 99 -3.42 21.57 10.26
C THR B 99 -3.35 22.75 9.33
N ILE B 100 -2.72 22.58 8.19
CA ILE B 100 -2.66 23.65 7.20
C ILE B 100 -3.15 23.12 5.86
N ARG B 101 -3.89 23.96 5.13
CA ARG B 101 -4.40 23.61 3.82
C ARG B 101 -3.47 24.19 2.78
N ILE B 102 -3.06 23.36 1.84
CA ILE B 102 -2.02 23.73 0.87
C ILE B 102 -2.53 24.76 -0.14
N ARG B 103 -3.76 24.57 -0.61
CA ARG B 103 -4.36 25.44 -1.63
C ARG B 103 -4.52 26.90 -1.18
N THR B 104 -4.79 27.11 0.10
CA THR B 104 -5.13 28.45 0.64
C THR B 104 -4.16 28.94 1.73
N GLY B 105 -3.66 28.02 2.56
CA GLY B 105 -2.75 28.35 3.67
C GLY B 105 -3.46 28.47 5.01
N GLU B 106 -4.68 27.97 5.09
CA GLU B 106 -5.52 28.15 6.28
C GLU B 106 -5.13 27.22 7.44
N LYS B 107 -4.64 27.84 8.52
CA LYS B 107 -4.30 27.14 9.75
C LYS B 107 -5.52 26.93 10.62
N ASN B 108 -5.73 25.69 11.06
CA ASN B 108 -6.69 25.41 12.13
C ASN B 108 -5.96 24.98 13.39
N MET C 1 9.97 18.55 19.53
CA MET C 1 10.24 17.92 18.21
C MET C 1 8.94 17.43 17.60
N LYS C 2 8.72 17.75 16.34
CA LYS C 2 7.39 17.55 15.73
C LYS C 2 7.41 16.88 14.37
N LYS C 3 6.33 16.19 14.07
CA LYS C 3 6.15 15.49 12.82
C LYS C 3 5.23 16.27 11.88
N ILE C 4 5.68 16.40 10.64
CA ILE C 4 4.91 17.04 9.58
C ILE C 4 4.46 15.97 8.62
N GLU C 5 3.14 15.76 8.57
CA GLU C 5 2.52 14.90 7.56
C GLU C 5 2.00 15.81 6.48
N ALA C 6 2.41 15.58 5.24
CA ALA C 6 1.92 16.36 4.11
C ALA C 6 1.26 15.46 3.07
N ILE C 7 -0.06 15.55 2.93
CA ILE C 7 -0.75 14.83 1.86
C ILE C 7 -0.77 15.72 0.64
N ILE C 8 -0.17 15.25 -0.44
CA ILE C 8 0.08 16.07 -1.62
C ILE C 8 -0.25 15.31 -2.87
N ARG C 9 -0.23 16.00 -4.00
CA ARG C 9 -0.45 15.35 -5.30
C ARG C 9 0.82 14.58 -5.64
N PRO C 10 0.67 13.32 -6.05
CA PRO C 10 1.86 12.49 -6.26
C PRO C 10 2.93 13.07 -7.18
N PHE C 11 2.54 13.73 -8.27
CA PHE C 11 3.53 14.22 -9.22
C PHE C 11 4.39 15.36 -8.66
N LYS C 12 3.94 15.95 -7.56
CA LYS C 12 4.67 17.04 -6.89
C LYS C 12 5.81 16.57 -6.01
N LEU C 13 5.94 15.26 -5.81
CA LEU C 13 7.00 14.70 -4.96
C LEU C 13 8.36 15.33 -5.24
N ASP C 14 8.79 15.27 -6.51
CA ASP C 14 10.10 15.77 -6.88
C ASP C 14 10.29 17.22 -6.52
N GLU C 15 9.28 18.05 -6.80
CA GLU C 15 9.40 19.49 -6.51
C GLU C 15 9.50 19.72 -5.01
N VAL C 16 8.75 18.94 -4.25
CA VAL C 16 8.75 19.00 -2.79
C VAL C 16 10.09 18.52 -2.24
N LYS C 17 10.46 17.31 -2.63
CA LYS C 17 11.76 16.72 -2.26
C LYS C 17 12.91 17.72 -2.42
N ILE C 18 12.95 18.40 -3.57
CA ILE C 18 14.01 19.37 -3.81
C ILE C 18 13.95 20.47 -2.77
N ALA C 19 12.77 21.06 -2.59
CA ALA C 19 12.60 22.13 -1.61
C ALA C 19 13.13 21.69 -0.24
N LEU C 20 12.67 20.51 0.20
CA LEU C 20 13.07 19.99 1.50
C LEU C 20 14.56 19.72 1.58
N VAL C 21 15.14 19.21 0.50
CA VAL C 21 16.58 18.97 0.47
C VAL C 21 17.37 20.29 0.51
N ASN C 22 16.83 21.35 -0.09
CA ASN C 22 17.42 22.69 0.02
C ASN C 22 17.27 23.27 1.42
N ALA C 23 16.24 22.85 2.13
CA ALA C 23 16.09 23.22 3.54
C ALA C 23 16.93 22.30 4.43
N GLY C 24 17.74 21.43 3.82
CA GLY C 24 18.53 20.46 4.57
C GLY C 24 17.68 19.50 5.39
N ILE C 25 16.57 19.07 4.81
CA ILE C 25 15.67 18.13 5.46
C ILE C 25 15.83 16.79 4.78
N VAL C 26 16.85 16.04 5.19
CA VAL C 26 17.23 14.80 4.50
C VAL C 26 16.37 13.59 4.87
N GLY C 27 15.77 13.59 6.05
CA GLY C 27 15.05 12.41 6.53
C GLY C 27 13.55 12.45 6.31
N MET C 28 13.11 12.04 5.12
CA MET C 28 11.67 11.98 4.82
C MET C 28 11.25 10.61 4.32
N THR C 29 10.01 10.25 4.64
CA THR C 29 9.44 8.97 4.23
C THR C 29 8.09 9.21 3.57
N VAL C 30 7.83 8.45 2.51
CA VAL C 30 6.65 8.61 1.66
C VAL C 30 5.77 7.36 1.65
N SER C 31 4.46 7.55 1.71
CA SER C 31 3.53 6.43 1.53
C SER C 31 2.37 6.79 0.61
N GLU C 32 1.79 5.77 -0.01
CA GLU C 32 0.69 5.94 -0.96
C GLU C 32 -0.67 5.86 -0.27
N VAL C 33 -1.43 6.95 -0.36
CA VAL C 33 -2.75 7.01 0.25
C VAL C 33 -3.78 7.50 -0.77
N ARG C 34 -5.05 7.42 -0.36
CA ARG C 34 -6.16 7.96 -1.13
C ARG C 34 -6.92 8.92 -0.24
N GLY C 35 -7.28 10.09 -0.77
CA GLY C 35 -7.98 11.11 -0.01
C GLY C 35 -9.40 11.31 -0.49
N PHE C 36 -10.25 11.80 0.40
CA PHE C 36 -11.66 12.05 0.07
C PHE C 36 -11.92 13.40 -0.61
N GLY C 37 -13.07 13.46 -1.28
CA GLY C 37 -13.79 14.69 -1.67
C GLY C 37 -13.49 15.83 -2.61
N ARG C 38 -12.87 15.61 -3.78
CA ARG C 38 -13.65 14.77 -4.70
C ARG C 38 -14.85 15.43 -5.38
N GLN C 39 -14.66 16.64 -5.90
CA GLN C 39 -13.36 17.30 -5.83
C GLN C 39 -12.25 16.49 -6.50
N LYS C 40 -12.51 16.06 -7.72
CA LYS C 40 -13.78 16.37 -8.37
C LYS C 40 -14.30 15.16 -9.13
N GLY C 41 -15.61 15.06 -9.27
CA GLY C 41 -16.17 13.93 -9.99
C GLY C 41 -16.78 14.58 -11.22
N GLN C 42 -16.53 13.97 -12.38
CA GLN C 42 -15.32 13.14 -12.48
C GLN C 42 -14.66 13.24 -13.87
N THR C 43 -15.22 12.66 -14.94
CA THR C 43 -16.61 12.18 -15.03
C THR C 43 -16.94 10.77 -14.52
N GLU C 44 -16.29 9.65 -14.87
CA GLU C 44 -15.31 9.35 -15.96
C GLU C 44 -15.75 8.00 -16.58
N ARG C 45 -14.99 7.49 -17.57
CA ARG C 45 -15.20 6.13 -18.10
C ARG C 45 -13.88 5.34 -18.19
N TYR C 46 -13.99 4.04 -18.43
CA TYR C 46 -12.81 3.14 -18.45
C TYR C 46 -12.90 2.32 -19.73
N ARG C 47 -14.00 1.59 -19.88
CA ARG C 47 -14.37 1.25 -21.24
C ARG C 47 -15.70 0.56 -20.90
N GLY C 48 -16.78 1.33 -20.82
CA GLY C 48 -18.12 0.76 -20.72
C GLY C 48 -18.08 -0.43 -19.74
N SER C 49 -18.37 -0.20 -18.46
CA SER C 49 -19.11 0.98 -17.97
C SER C 49 -18.27 2.24 -17.69
N GLU C 50 -18.98 3.29 -17.31
CA GLU C 50 -18.42 4.56 -16.86
C GLU C 50 -18.67 4.70 -15.36
N TYR C 51 -17.81 5.44 -14.68
CA TYR C 51 -17.77 5.43 -13.22
C TYR C 51 -17.38 6.76 -12.60
N THR C 52 -17.59 6.86 -11.29
CA THR C 52 -17.15 8.00 -10.50
C THR C 52 -16.19 7.55 -9.40
N VAL C 53 -15.23 8.40 -9.07
CA VAL C 53 -14.18 8.05 -8.09
C VAL C 53 -14.18 9.02 -6.89
N GLU C 54 -14.36 8.48 -5.69
CA GLU C 54 -14.45 9.30 -4.48
C GLU C 54 -13.11 9.43 -3.75
N PHE C 55 -12.21 8.48 -3.99
CA PHE C 55 -10.91 8.45 -3.31
C PHE C 55 -9.75 8.55 -4.31
N LEU C 56 -9.09 9.70 -4.32
CA LEU C 56 -8.10 10.01 -5.36
C LEU C 56 -6.68 9.74 -4.90
N GLN C 57 -5.84 9.20 -5.78
CA GLN C 57 -4.44 8.90 -5.45
C GLN C 57 -3.67 10.12 -4.96
N LYS C 58 -3.22 10.07 -3.72
CA LYS C 58 -2.36 11.10 -3.16
C LYS C 58 -1.16 10.45 -2.51
N LEU C 59 -0.16 11.26 -2.15
CA LEU C 59 1.04 10.77 -1.45
C LEU C 59 1.20 11.43 -0.09
N LYS C 60 1.56 10.64 0.91
CA LYS C 60 1.79 11.13 2.25
C LYS C 60 3.29 11.21 2.60
N LEU C 61 3.84 12.42 2.59
CA LEU C 61 5.19 12.67 3.10
C LEU C 61 5.18 12.79 4.62
N GLU C 62 6.06 12.05 5.28
CA GLU C 62 6.28 12.20 6.71
C GLU C 62 7.70 12.66 6.92
N ILE C 63 7.87 13.77 7.62
CA ILE C 63 9.20 14.19 8.09
C ILE C 63 9.08 14.66 9.52
N VAL C 64 10.18 14.55 10.27
CA VAL C 64 10.22 15.03 11.65
C VAL C 64 11.32 16.10 11.81
N VAL C 65 10.97 17.19 12.49
CA VAL C 65 11.83 18.37 12.55
C VAL C 65 11.80 19.01 13.93
N GLU C 66 12.71 19.94 14.14
CA GLU C 66 12.76 20.69 15.40
C GLU C 66 11.64 21.72 15.39
N ASP C 67 11.21 22.13 16.58
CA ASP C 67 10.08 23.04 16.72
C ASP C 67 10.30 24.37 15.99
N ALA C 68 11.52 24.88 16.02
CA ALA C 68 11.88 26.13 15.33
C ALA C 68 11.72 26.04 13.81
N GLN C 69 12.09 24.90 13.24
CA GLN C 69 12.10 24.72 11.79
C GLN C 69 10.70 24.57 11.16
N VAL C 70 9.72 24.17 11.97
CA VAL C 70 8.38 23.88 11.47
C VAL C 70 7.84 24.97 10.53
N ASP C 71 7.67 26.18 11.06
CA ASP C 71 7.09 27.28 10.28
C ASP C 71 7.73 27.42 8.90
N THR C 72 9.05 27.29 8.84
CA THR C 72 9.78 27.37 7.57
C THR C 72 9.42 26.18 6.69
N VAL C 73 9.66 24.98 7.22
CA VAL C 73 9.43 23.75 6.47
C VAL C 73 8.01 23.71 5.89
N ILE C 74 7.03 24.19 6.64
CA ILE C 74 5.66 24.30 6.16
C ILE C 74 5.56 25.20 4.94
N ASP C 75 6.09 26.42 5.07
CA ASP C 75 6.01 27.41 4.00
C ASP C 75 6.64 26.91 2.72
N LYS C 76 7.75 26.19 2.86
CA LYS C 76 8.47 25.68 1.69
C LYS C 76 7.68 24.60 0.97
N ILE C 77 7.09 23.70 1.75
CA ILE C 77 6.28 22.61 1.21
C ILE C 77 5.05 23.18 0.49
N VAL C 78 4.40 24.13 1.13
CA VAL C 78 3.22 24.77 0.54
C VAL C 78 3.57 25.32 -0.84
N ALA C 79 4.56 26.19 -0.87
CA ALA C 79 5.02 26.78 -2.13
C ALA C 79 5.29 25.70 -3.18
N ALA C 80 5.97 24.64 -2.77
CA ALA C 80 6.35 23.59 -3.71
C ALA C 80 5.14 22.84 -4.23
N ALA C 81 4.22 22.52 -3.33
CA ALA C 81 3.17 21.55 -3.60
C ALA C 81 1.91 22.13 -4.23
N ARG C 82 1.64 23.41 -3.99
CA ARG C 82 0.36 23.99 -4.40
C ARG C 82 0.27 24.17 -5.90
N THR C 83 -0.97 24.10 -6.41
CA THR C 83 -1.24 24.24 -7.84
C THR C 83 -2.52 25.02 -8.12
N GLY C 84 -2.93 25.86 -7.17
CA GLY C 84 -4.09 26.71 -7.37
C GLY C 84 -5.45 26.04 -7.21
N GLU C 85 -5.72 25.02 -8.02
CA GLU C 85 -7.06 24.42 -8.06
C GLU C 85 -7.20 23.33 -6.98
N ILE C 86 -8.44 22.90 -6.72
CA ILE C 86 -8.74 21.99 -5.60
C ILE C 86 -8.07 20.63 -5.75
N GLY C 87 -7.80 19.99 -4.61
CA GLY C 87 -7.07 18.72 -4.58
C GLY C 87 -5.61 18.88 -4.20
N ASP C 88 -5.21 20.10 -3.85
CA ASP C 88 -3.82 20.39 -3.48
C ASP C 88 -3.37 19.65 -2.22
N GLY C 89 -4.29 19.45 -1.28
CA GLY C 89 -4.00 18.67 -0.09
C GLY C 89 -3.87 19.51 1.16
N LYS C 90 -3.30 18.88 2.20
CA LYS C 90 -3.27 19.47 3.53
C LYS C 90 -2.02 19.00 4.27
N ILE C 91 -1.71 19.68 5.36
CA ILE C 91 -0.50 19.38 6.14
C ILE C 91 -0.85 19.30 7.61
N PHE C 92 -0.49 18.20 8.25
CA PHE C 92 -0.75 18.00 9.67
C PHE C 92 0.55 18.03 10.45
N VAL C 93 0.58 18.86 11.48
CA VAL C 93 1.72 18.93 12.39
C VAL C 93 1.33 18.32 13.73
N SER C 94 2.13 17.39 14.21
CA SER C 94 1.86 16.69 15.45
C SER C 94 3.17 16.47 16.22
N PRO C 95 3.06 16.24 17.54
CA PRO C 95 4.25 16.12 18.39
C PRO C 95 4.93 14.76 18.29
N VAL C 96 6.20 14.73 18.70
CA VAL C 96 7.00 13.52 18.76
C VAL C 96 7.92 13.59 19.98
N ASP C 97 7.90 12.55 20.81
CA ASP C 97 8.64 12.55 22.06
C ASP C 97 10.11 12.27 21.88
N GLN C 98 10.43 11.30 21.05
CA GLN C 98 11.82 10.99 20.72
C GLN C 98 11.95 10.21 19.42
N THR C 99 13.12 10.31 18.82
CA THR C 99 13.46 9.54 17.64
C THR C 99 14.73 8.76 17.92
N ILE C 100 14.78 7.51 17.49
CA ILE C 100 15.98 6.70 17.66
C ILE C 100 16.40 6.19 16.30
N ARG C 101 17.71 6.12 16.09
CA ARG C 101 18.27 5.61 14.84
C ARG C 101 18.75 4.19 15.05
N ILE C 102 18.31 3.28 14.19
CA ILE C 102 18.50 1.86 14.40
C ILE C 102 19.98 1.49 14.30
N ARG C 103 20.66 2.03 13.30
CA ARG C 103 22.05 1.69 13.02
C ARG C 103 23.02 2.02 14.15
N THR C 104 22.74 3.08 14.89
CA THR C 104 23.66 3.59 15.90
C THR C 104 23.07 3.64 17.32
N GLY C 105 21.77 3.90 17.41
CA GLY C 105 21.08 4.01 18.71
C GLY C 105 20.92 5.44 19.20
N GLU C 106 21.11 6.39 18.29
CA GLU C 106 21.13 7.82 18.59
C GLU C 106 19.76 8.38 18.92
N LYS C 107 19.52 8.75 20.17
CA LYS C 107 18.25 9.38 20.57
C LYS C 107 18.31 10.89 20.39
N ASN C 108 17.32 11.43 19.70
CA ASN C 108 17.12 12.89 19.60
C ASN C 108 15.86 13.36 20.33
N ALA C 109 15.92 14.59 20.83
CA ALA C 109 14.78 15.25 21.47
C ALA C 109 15.12 16.70 21.82
N ASP C 110 14.20 17.61 21.51
CA ASP C 110 14.34 19.02 21.90
C ASP C 110 13.34 19.42 23.00
N ALA C 111 12.89 18.44 23.79
CA ALA C 111 11.99 18.69 24.94
C ALA C 111 12.36 17.80 26.13
N ILE C 112 12.17 18.32 27.35
CA ILE C 112 12.41 17.58 28.59
C ILE C 112 11.15 17.52 29.43
N SER D 3 -15.53 -15.09 3.75
CA SER D 3 -14.11 -15.20 3.29
C SER D 3 -13.68 -13.95 2.49
N GLU D 4 -12.87 -13.10 3.11
CA GLU D 4 -12.37 -11.89 2.45
C GLU D 4 -11.16 -12.20 1.59
N ASN D 5 -11.19 -11.70 0.35
CA ASN D 5 -10.06 -11.80 -0.57
C ASN D 5 -9.90 -10.48 -1.31
N TYR D 6 -8.71 -9.89 -1.23
CA TYR D 6 -8.44 -8.62 -1.93
C TYR D 6 -7.34 -8.79 -2.96
N LEU D 7 -7.25 -7.80 -3.83
CA LEU D 7 -6.40 -7.92 -5.01
C LEU D 7 -6.08 -6.53 -5.55
N ASN D 8 -4.84 -6.32 -5.96
CA ASN D 8 -4.41 -5.02 -6.46
C ASN D 8 -4.52 -4.92 -7.97
N HIS D 9 -5.38 -4.00 -8.43
CA HIS D 9 -5.38 -3.60 -9.81
C HIS D 9 -4.30 -2.53 -10.00
N PRO D 10 -3.60 -2.54 -11.15
CA PRO D 10 -2.51 -1.57 -11.32
C PRO D 10 -3.00 -0.13 -11.48
N THR D 11 -4.23 0.05 -11.95
CA THR D 11 -4.79 1.39 -12.14
C THR D 11 -5.67 1.82 -10.97
N PHE D 12 -6.64 0.99 -10.65
CA PHE D 12 -7.69 1.30 -9.67
C PHE D 12 -7.37 0.80 -8.27
N GLY D 13 -6.16 0.29 -8.08
CA GLY D 13 -5.72 -0.15 -6.77
C GLY D 13 -6.46 -1.36 -6.25
N LEU D 14 -6.83 -1.32 -4.98
CA LEU D 14 -7.38 -2.48 -4.28
C LEU D 14 -8.76 -2.87 -4.76
N LEU D 15 -8.94 -4.17 -4.98
CA LEU D 15 -10.22 -4.75 -5.40
C LEU D 15 -10.69 -5.74 -4.35
N TYR D 16 -12.01 -5.84 -4.20
CA TYR D 16 -12.60 -6.75 -3.22
C TYR D 16 -13.49 -7.78 -3.92
N GLN D 17 -13.50 -8.99 -3.37
CA GLN D 17 -14.17 -10.12 -4.01
C GLN D 17 -15.66 -10.08 -3.76
N ILE D 18 -16.42 -10.18 -4.86
CA ILE D 18 -17.88 -10.21 -4.79
C ILE D 18 -18.33 -11.66 -4.69
N CYS D 19 -17.91 -12.48 -5.66
CA CYS D 19 -18.18 -13.91 -5.63
C CYS D 19 -17.30 -14.66 -6.64
N SER D 20 -17.52 -15.97 -6.80
CA SER D 20 -16.74 -16.81 -7.73
C SER D 20 -17.56 -17.19 -8.96
N PHE D 21 -16.88 -17.61 -10.03
CA PHE D 21 -17.50 -17.77 -11.34
C PHE D 21 -17.06 -18.99 -12.21
N GLY D 22 -16.61 -20.11 -11.64
CA GLY D 22 -16.36 -20.35 -10.22
C GLY D 22 -16.52 -21.82 -9.80
N ASP D 23 -15.49 -22.65 -9.92
CA ASP D 23 -14.16 -22.32 -10.47
C ASP D 23 -14.25 -21.92 -11.95
N SER D 24 -13.18 -21.38 -12.55
CA SER D 24 -11.89 -21.05 -11.91
C SER D 24 -11.61 -19.57 -12.14
N LYS D 25 -12.66 -18.77 -11.96
CA LYS D 25 -12.61 -17.32 -12.11
C LYS D 25 -13.38 -16.70 -10.95
N GLU D 26 -12.99 -15.47 -10.58
CA GLU D 26 -13.73 -14.72 -9.57
C GLU D 26 -14.04 -13.32 -10.05
N LEU D 27 -15.17 -12.79 -9.57
CA LEU D 27 -15.61 -11.45 -9.87
C LEU D 27 -15.11 -10.53 -8.78
N PHE D 28 -14.53 -9.40 -9.19
CA PHE D 28 -14.02 -8.40 -8.26
C PHE D 28 -14.55 -7.02 -8.62
N ALA D 29 -14.54 -6.13 -7.63
CA ALA D 29 -15.02 -4.75 -7.83
C ALA D 29 -14.07 -3.75 -7.20
N THR D 30 -14.13 -2.52 -7.71
CA THR D 30 -13.28 -1.44 -7.22
C THR D 30 -13.75 -0.98 -5.85
N LEU D 31 -12.79 -0.79 -4.94
CA LEU D 31 -13.07 -0.34 -3.58
C LEU D 31 -13.02 1.18 -3.52
N TYR D 32 -12.08 1.77 -4.25
CA TYR D 32 -11.87 3.23 -4.27
C TYR D 32 -12.74 3.97 -5.29
N ALA D 33 -13.14 3.28 -6.34
CA ALA D 33 -14.03 3.85 -7.34
C ALA D 33 -15.41 3.24 -7.20
N GLN D 34 -16.41 3.94 -7.68
CA GLN D 34 -17.77 3.53 -7.49
C GLN D 34 -18.61 3.66 -8.74
N ARG D 35 -18.55 2.69 -9.63
CA ARG D 35 -17.97 1.37 -9.35
C ARG D 35 -17.65 0.63 -10.63
N LEU D 36 -16.58 -0.15 -10.61
CA LEU D 36 -16.15 -0.91 -11.78
C LEU D 36 -15.91 -2.35 -11.40
N PHE D 37 -16.18 -3.24 -12.34
CA PHE D 37 -16.14 -4.68 -12.07
C PHE D 37 -15.15 -5.39 -12.97
N PHE D 38 -14.56 -6.46 -12.45
CA PHE D 38 -13.54 -7.21 -13.17
C PHE D 38 -13.71 -8.71 -13.01
N LEU D 39 -13.44 -9.42 -14.11
CA LEU D 39 -13.54 -10.88 -14.14
C LEU D 39 -12.12 -11.40 -14.11
N VAL D 40 -11.67 -11.82 -12.92
CA VAL D 40 -10.27 -12.20 -12.73
C VAL D 40 -10.05 -13.71 -12.86
N ALA D 41 -8.88 -14.06 -13.38
CA ALA D 41 -8.46 -15.46 -13.52
C ALA D 41 -6.93 -15.54 -13.51
N PHE D 42 -6.36 -16.72 -13.20
CA PHE D 42 -4.90 -16.91 -13.19
C PHE D 42 -4.47 -17.78 -14.38
N ASP D 43 -3.64 -17.24 -15.27
CA ASP D 43 -3.37 -17.89 -16.57
C ASP D 43 -2.43 -19.10 -16.61
N ALA D 44 -1.27 -19.09 -15.94
CA ALA D 44 -0.78 -17.98 -15.15
C ALA D 44 0.68 -17.69 -15.46
N ARG D 45 0.88 -16.84 -16.46
CA ARG D 45 2.15 -16.16 -16.67
C ARG D 45 2.50 -15.26 -15.46
N GLY D 46 1.60 -14.40 -14.99
CA GLY D 46 0.27 -14.19 -15.56
C GLY D 46 -0.67 -13.31 -14.75
N THR D 47 -1.64 -13.94 -14.09
CA THR D 47 -2.74 -13.25 -13.39
C THR D 47 -3.57 -12.13 -14.04
N ARG D 48 -4.49 -12.52 -14.93
CA ARG D 48 -5.18 -11.64 -15.87
C ARG D 48 -6.23 -10.74 -15.19
N PHE D 49 -6.78 -9.82 -15.98
CA PHE D 49 -7.89 -8.96 -15.59
C PHE D 49 -8.71 -8.63 -16.84
N GLU D 50 -10.01 -8.87 -16.80
CA GLU D 50 -10.87 -8.39 -17.89
C GLU D 50 -12.15 -7.76 -17.35
N PRO D 51 -12.42 -6.50 -17.76
CA PRO D 51 -13.49 -5.73 -17.16
C PRO D 51 -14.84 -6.02 -17.79
N ILE D 52 -15.90 -5.87 -16.98
CA ILE D 52 -17.26 -6.07 -17.45
C ILE D 52 -18.18 -5.00 -16.84
N GLY D 53 -19.19 -4.59 -17.60
CA GLY D 53 -20.14 -3.56 -17.17
C GLY D 53 -20.98 -4.06 -16.02
N ARG D 54 -21.62 -3.13 -15.31
CA ARG D 54 -22.35 -3.51 -14.08
C ARG D 54 -23.57 -4.38 -14.34
N ASN D 55 -24.22 -4.16 -15.47
CA ASN D 55 -25.38 -4.96 -15.83
C ASN D 55 -25.00 -6.40 -16.08
N GLU D 56 -23.85 -6.61 -16.72
CA GLU D 56 -23.30 -7.95 -16.86
C GLU D 56 -23.01 -8.51 -15.46
N ALA D 57 -22.16 -7.82 -14.72
CA ALA D 57 -21.83 -8.22 -13.35
C ALA D 57 -23.08 -8.57 -12.55
N ARG D 58 -24.07 -7.67 -12.57
CA ARG D 58 -25.30 -7.87 -11.83
C ARG D 58 -25.98 -9.17 -12.26
N MET D 59 -25.97 -9.45 -13.56
CA MET D 59 -26.54 -10.69 -14.09
C MET D 59 -25.75 -11.91 -13.60
N LEU D 60 -24.43 -11.83 -13.68
CA LEU D 60 -23.56 -12.96 -13.29
C LEU D 60 -23.77 -13.34 -11.84
N VAL D 61 -23.91 -12.32 -10.98
CA VAL D 61 -24.14 -12.55 -9.55
C VAL D 61 -25.51 -13.18 -9.31
N ASP D 62 -26.50 -12.75 -10.08
CA ASP D 62 -27.85 -13.31 -10.03
C ASP D 62 -27.88 -14.83 -10.21
N ASN D 63 -27.29 -15.29 -11.31
CA ASN D 63 -27.33 -16.71 -11.66
C ASN D 63 -26.43 -17.54 -10.75
N ARG D 64 -25.38 -16.92 -10.23
CA ARG D 64 -24.61 -17.54 -9.17
C ARG D 64 -25.48 -17.65 -7.92
N LEU D 65 -26.15 -16.55 -7.61
CA LEU D 65 -27.06 -16.48 -6.46
C LEU D 65 -28.11 -17.58 -6.54
N ARG D 66 -28.68 -17.79 -7.72
CA ARG D 66 -29.64 -18.86 -7.90
C ARG D 66 -29.00 -20.22 -7.62
N GLN D 67 -27.88 -20.49 -8.28
CA GLN D 67 -27.30 -21.84 -8.29
C GLN D 67 -26.75 -22.26 -6.94
N LEU D 68 -26.36 -21.23 -6.18
CA LEU D 68 -25.89 -21.33 -4.80
C LEU D 68 -26.99 -21.69 -3.83
N ARG D 69 -28.16 -21.07 -3.98
CA ARG D 69 -29.31 -21.38 -3.13
C ARG D 69 -29.59 -22.88 -3.06
N ARG D 70 -29.46 -23.57 -4.19
CA ARG D 70 -29.65 -25.02 -4.24
C ARG D 70 -28.33 -25.80 -4.28
N ASP D 71 -27.34 -25.31 -3.55
CA ASP D 71 -26.14 -26.07 -3.21
C ASP D 71 -26.34 -26.74 -1.84
N ALA D 72 -25.91 -28.00 -1.73
CA ALA D 72 -26.17 -28.83 -0.54
C ALA D 72 -25.67 -28.19 0.74
N SER D 73 -24.38 -27.83 0.75
CA SER D 73 -23.75 -27.24 1.93
C SER D 73 -24.42 -25.94 2.39
N LEU D 74 -24.94 -25.16 1.45
CA LEU D 74 -25.57 -23.90 1.79
C LEU D 74 -26.88 -24.21 2.50
N GLN D 75 -27.76 -24.94 1.81
CA GLN D 75 -29.01 -25.41 2.43
C GLN D 75 -28.75 -26.18 3.73
N GLU D 76 -27.81 -27.13 3.68
CA GLU D 76 -27.42 -27.88 4.88
C GLU D 76 -27.13 -26.98 6.07
N TYR D 77 -26.50 -25.84 5.84
CA TYR D 77 -26.21 -24.89 6.91
C TYR D 77 -27.47 -24.13 7.28
N ASN D 78 -28.11 -23.52 6.28
CA ASN D 78 -29.31 -22.70 6.50
C ASN D 78 -30.39 -23.43 7.29
N GLN D 79 -30.49 -24.75 7.13
CA GLN D 79 -31.43 -25.56 7.88
C GLN D 79 -30.93 -25.82 9.28
N LEU D 80 -29.68 -26.24 9.40
CA LEU D 80 -29.08 -26.51 10.69
C LEU D 80 -29.23 -25.28 11.56
N GLN D 81 -29.16 -24.10 10.93
CA GLN D 81 -29.38 -22.84 11.63
C GLN D 81 -30.83 -22.75 12.17
N GLN D 82 -31.81 -22.78 11.27
CA GLN D 82 -33.22 -22.70 11.66
C GLN D 82 -33.55 -23.55 12.90
N VAL D 83 -32.96 -24.74 12.90
CA VAL D 83 -33.30 -25.80 13.83
C VAL D 83 -32.44 -25.78 15.10
N PHE D 84 -31.16 -25.44 14.96
CA PHE D 84 -30.19 -25.58 16.05
C PHE D 84 -30.70 -25.13 17.42
N LYS D 85 -31.37 -23.98 17.48
CA LYS D 85 -31.82 -23.43 18.76
C LYS D 85 -32.79 -24.36 19.45
N GLN D 86 -33.93 -24.58 18.80
CA GLN D 86 -34.98 -25.43 19.37
C GLN D 86 -34.47 -26.85 19.68
N THR D 87 -33.48 -27.32 18.92
CA THR D 87 -32.91 -28.65 19.14
C THR D 87 -32.05 -28.72 20.40
N PHE D 88 -31.12 -27.76 20.54
CA PHE D 88 -30.22 -27.72 21.69
C PHE D 88 -30.54 -26.55 22.61
N LEU D 89 -30.39 -25.33 22.10
CA LEU D 89 -30.52 -24.09 22.91
C LEU D 89 -31.89 -23.95 23.59
N SER E 3 22.45 -7.42 -1.27
CA SER E 3 21.61 -6.66 -2.23
C SER E 3 20.12 -6.96 -2.02
N GLU E 4 19.39 -6.02 -1.42
CA GLU E 4 17.95 -6.19 -1.20
C GLU E 4 17.17 -5.83 -2.46
N ASN E 5 16.22 -6.70 -2.81
CA ASN E 5 15.29 -6.44 -3.92
C ASN E 5 13.89 -6.93 -3.54
N TYR E 6 12.92 -6.03 -3.59
CA TYR E 6 11.54 -6.38 -3.26
C TYR E 6 10.64 -6.22 -4.46
N LEU E 7 9.44 -6.79 -4.36
CA LEU E 7 8.55 -6.91 -5.50
C LEU E 7 7.13 -7.13 -5.01
N ASN E 8 6.16 -6.47 -5.66
CA ASN E 8 4.76 -6.60 -5.26
C ASN E 8 4.03 -7.69 -6.02
N HIS E 9 3.57 -8.71 -5.29
CA HIS E 9 2.61 -9.66 -5.83
C HIS E 9 1.22 -9.06 -5.68
N PRO E 10 0.31 -9.29 -6.65
CA PRO E 10 -1.01 -8.66 -6.58
C PRO E 10 -1.93 -9.27 -5.53
N THR E 11 -1.65 -10.51 -5.11
CA THR E 11 -2.41 -11.17 -4.04
C THR E 11 -1.72 -11.09 -2.69
N PHE E 12 -0.47 -11.55 -2.65
CA PHE E 12 0.27 -11.73 -1.41
C PHE E 12 1.14 -10.53 -1.05
N GLY E 13 1.00 -9.45 -1.83
CA GLY E 13 1.72 -8.21 -1.53
C GLY E 13 3.23 -8.33 -1.73
N LEU E 14 3.99 -7.78 -0.79
CA LEU E 14 5.43 -7.63 -0.93
C LEU E 14 6.16 -8.96 -0.90
N LEU E 15 7.11 -9.13 -1.82
CA LEU E 15 7.95 -10.31 -1.91
C LEU E 15 9.41 -9.90 -1.75
N TYR E 16 10.21 -10.78 -1.16
CA TYR E 16 11.63 -10.51 -0.95
C TYR E 16 12.47 -11.53 -1.68
N GLN E 17 13.62 -11.09 -2.19
CA GLN E 17 14.46 -11.92 -3.04
C GLN E 17 15.27 -12.89 -2.21
N ILE E 18 15.21 -14.16 -2.59
CA ILE E 18 15.99 -15.19 -1.94
C ILE E 18 17.33 -15.36 -2.66
N CYS E 19 17.27 -15.58 -3.97
CA CYS E 19 18.48 -15.61 -4.79
C CYS E 19 18.15 -15.44 -6.27
N SER E 20 19.21 -15.39 -7.07
CA SER E 20 19.11 -15.18 -8.50
C SER E 20 19.63 -16.40 -9.27
N PHE E 21 18.93 -16.74 -10.34
CA PHE E 21 19.39 -17.71 -11.35
C PHE E 21 18.58 -17.62 -12.66
N GLY E 22 18.63 -16.47 -13.35
CA GLY E 22 19.54 -15.38 -13.06
C GLY E 22 20.80 -15.80 -13.80
N ASP E 23 21.06 -15.28 -15.01
CA ASP E 23 20.12 -14.48 -15.84
C ASP E 23 19.63 -13.17 -15.13
N SER E 24 18.38 -12.64 -15.18
CA SER E 24 17.18 -12.94 -16.02
C SER E 24 16.13 -13.98 -15.55
N LYS E 25 16.21 -14.35 -14.26
CA LYS E 25 15.20 -15.17 -13.59
C LYS E 25 15.59 -15.37 -12.13
N GLU E 26 14.81 -14.86 -11.20
CA GLU E 26 15.13 -15.09 -9.77
C GLU E 26 13.97 -15.66 -8.94
N LEU E 27 14.31 -16.07 -7.72
CA LEU E 27 13.39 -16.69 -6.77
C LEU E 27 12.98 -15.70 -5.70
N PHE E 28 11.68 -15.62 -5.44
CA PHE E 28 11.13 -14.71 -4.44
C PHE E 28 10.22 -15.45 -3.47
N ALA E 29 10.05 -14.88 -2.29
CA ALA E 29 9.21 -15.50 -1.26
C ALA E 29 8.28 -14.48 -0.62
N THR E 30 7.18 -14.97 -0.05
CA THR E 30 6.22 -14.09 0.62
C THR E 30 6.76 -13.57 1.94
N LEU E 31 6.56 -12.28 2.18
CA LEU E 31 7.01 -11.64 3.41
C LEU E 31 5.91 -11.67 4.49
N TYR E 32 4.66 -11.51 4.04
CA TYR E 32 3.50 -11.50 4.93
C TYR E 32 2.93 -12.87 5.22
N ALA E 33 3.14 -13.81 4.29
CA ALA E 33 2.69 -15.19 4.45
C ALA E 33 3.89 -16.08 4.73
N GLN E 34 3.67 -17.14 5.50
CA GLN E 34 4.72 -18.09 5.84
C GLN E 34 4.28 -19.49 5.44
N ARG E 35 4.66 -19.98 4.26
CA ARG E 35 5.47 -19.25 3.30
C ARG E 35 5.26 -19.80 1.89
N LEU E 36 5.28 -18.92 0.91
CA LEU E 36 5.08 -19.27 -0.48
C LEU E 36 6.22 -18.71 -1.33
N PHE E 37 6.55 -19.43 -2.39
CA PHE E 37 7.70 -19.09 -3.22
C PHE E 37 7.28 -18.88 -4.66
N PHE E 38 8.01 -18.03 -5.36
CA PHE E 38 7.69 -17.66 -6.71
C PHE E 38 8.94 -17.56 -7.57
N LEU E 39 8.81 -18.01 -8.82
CA LEU E 39 9.89 -17.98 -9.78
C LEU E 39 9.60 -16.85 -10.76
N VAL E 40 10.24 -15.71 -10.53
CA VAL E 40 9.91 -14.50 -11.28
C VAL E 40 10.84 -14.31 -12.47
N ALA E 41 10.28 -13.74 -13.53
CA ALA E 41 11.03 -13.41 -14.75
C ALA E 41 10.37 -12.27 -15.49
N PHE E 42 11.14 -11.70 -16.40
CA PHE E 42 10.72 -10.55 -17.19
C PHE E 42 10.57 -11.02 -18.63
N ASP E 43 9.32 -11.07 -19.09
CA ASP E 43 9.00 -11.59 -20.40
C ASP E 43 9.56 -10.78 -21.59
N ALA E 44 9.32 -9.46 -21.71
CA ALA E 44 8.52 -8.64 -20.79
C ALA E 44 8.32 -7.26 -21.42
N ARG E 45 7.11 -6.89 -21.88
CA ARG E 45 5.93 -7.76 -22.01
C ARG E 45 5.46 -8.40 -20.71
N GLY E 46 5.45 -7.61 -19.64
CA GLY E 46 4.97 -8.08 -18.34
C GLY E 46 5.98 -8.92 -17.58
N THR E 47 6.05 -8.68 -16.27
CA THR E 47 6.88 -9.47 -15.36
C THR E 47 6.18 -10.79 -14.97
N ARG E 48 6.74 -11.90 -15.41
CA ARG E 48 6.16 -13.22 -15.17
C ARG E 48 6.22 -13.66 -13.71
N PHE E 49 5.12 -14.23 -13.22
CA PHE E 49 5.08 -14.89 -11.91
C PHE E 49 4.65 -16.34 -12.06
N GLU E 50 5.44 -17.26 -11.53
CA GLU E 50 5.01 -18.64 -11.47
C GLU E 50 5.44 -19.30 -10.17
N PRO E 51 4.46 -19.87 -9.43
CA PRO E 51 4.71 -20.36 -8.09
C PRO E 51 5.30 -21.75 -8.07
N ILE E 52 6.08 -22.04 -7.03
CA ILE E 52 6.68 -23.36 -6.87
C ILE E 52 6.65 -23.75 -5.38
N GLY E 53 6.50 -25.04 -5.12
CA GLY E 53 6.43 -25.55 -3.75
C GLY E 53 7.76 -25.37 -3.05
N ARG E 54 7.75 -25.47 -1.71
CA ARG E 54 8.96 -25.18 -0.93
C ARG E 54 10.07 -26.21 -1.15
N ASN E 55 9.70 -27.46 -1.39
CA ASN E 55 10.68 -28.50 -1.65
C ASN E 55 11.45 -28.24 -2.96
N GLU E 56 10.73 -27.75 -3.96
CA GLU E 56 11.34 -27.31 -5.22
C GLU E 56 12.26 -26.14 -4.94
N ALA E 57 11.71 -25.10 -4.34
CA ALA E 57 12.48 -23.92 -3.96
C ALA E 57 13.72 -24.32 -3.17
N ARG E 58 13.53 -25.18 -2.17
CA ARG E 58 14.63 -25.68 -1.33
C ARG E 58 15.74 -26.26 -2.19
N MET E 59 15.34 -27.11 -3.13
CA MET E 59 16.28 -27.76 -4.04
C MET E 59 16.98 -26.74 -4.93
N LEU E 60 16.22 -25.80 -5.49
CA LEU E 60 16.79 -24.81 -6.40
C LEU E 60 17.86 -23.97 -5.71
N VAL E 61 17.61 -23.59 -4.46
CA VAL E 61 18.56 -22.80 -3.68
C VAL E 61 19.81 -23.63 -3.38
N ASP E 62 19.61 -24.91 -3.09
CA ASP E 62 20.72 -25.85 -2.86
C ASP E 62 21.73 -25.85 -3.99
N ASN E 63 21.27 -26.10 -5.21
CA ASN E 63 22.18 -26.24 -6.35
C ASN E 63 22.74 -24.90 -6.81
N ARG E 64 22.03 -23.82 -6.51
CA ARG E 64 22.61 -22.49 -6.65
C ARG E 64 23.71 -22.34 -5.62
N LEU E 65 23.40 -22.71 -4.37
CA LEU E 65 24.34 -22.66 -3.25
C LEU E 65 25.64 -23.40 -3.60
N ARG E 66 25.49 -24.57 -4.20
CA ARG E 66 26.65 -25.36 -4.65
C ARG E 66 27.48 -24.60 -5.70
N GLN E 67 26.79 -24.12 -6.73
CA GLN E 67 27.44 -23.51 -7.91
C GLN E 67 28.30 -22.29 -7.61
N LEU E 68 27.94 -21.56 -6.56
CA LEU E 68 28.73 -20.42 -6.12
C LEU E 68 30.09 -20.87 -5.57
N ARG E 69 30.13 -22.08 -5.00
CA ARG E 69 31.41 -22.71 -4.64
C ARG E 69 32.23 -22.94 -5.90
N ARG E 70 31.55 -23.40 -6.95
CA ARG E 70 32.22 -23.85 -8.16
C ARG E 70 32.88 -22.72 -8.99
N ASP E 71 32.53 -21.46 -8.70
CA ASP E 71 33.14 -20.33 -9.41
C ASP E 71 33.13 -18.95 -8.72
N ALA E 72 31.95 -18.48 -8.30
CA ALA E 72 31.80 -17.13 -7.72
C ALA E 72 31.76 -17.09 -6.18
N SER E 73 32.70 -17.77 -5.54
CA SER E 73 32.79 -17.82 -4.07
C SER E 73 33.48 -16.57 -3.54
N LEU E 74 33.66 -16.42 -2.22
CA LEU E 74 32.89 -17.12 -1.18
C LEU E 74 33.30 -16.64 0.21
N GLN E 75 32.90 -15.43 0.68
CA GLN E 75 32.01 -14.44 0.03
C GLN E 75 30.63 -15.06 -0.22
N GLU E 76 30.15 -14.92 -1.46
CA GLU E 76 28.74 -15.06 -1.84
C GLU E 76 28.13 -16.38 -1.34
N TYR E 77 28.97 -17.40 -1.28
CA TYR E 77 28.62 -18.69 -0.69
C TYR E 77 28.05 -18.51 0.71
N ASN E 78 28.72 -17.71 1.54
CA ASN E 78 28.30 -17.46 2.93
C ASN E 78 26.96 -16.72 3.01
N GLN E 79 26.79 -15.71 2.15
CA GLN E 79 25.55 -14.91 2.11
C GLN E 79 24.33 -15.78 1.81
N LEU E 80 24.46 -16.65 0.82
CA LEU E 80 23.35 -17.49 0.39
C LEU E 80 23.18 -18.70 1.31
N GLN E 81 24.28 -19.23 1.85
CA GLN E 81 24.19 -20.33 2.82
C GLN E 81 23.62 -19.84 4.16
N GLN E 82 23.82 -18.56 4.48
CA GLN E 82 23.15 -17.96 5.62
C GLN E 82 21.68 -17.76 5.28
N VAL E 83 21.44 -17.18 4.11
CA VAL E 83 20.08 -16.97 3.60
C VAL E 83 19.35 -18.30 3.47
N PHE E 84 20.10 -19.39 3.30
CA PHE E 84 19.58 -20.74 3.32
C PHE E 84 19.14 -21.12 4.74
N LYS E 85 20.01 -20.86 5.71
CA LYS E 85 19.73 -21.16 7.11
C LYS E 85 18.47 -20.45 7.58
N GLN E 86 18.41 -19.14 7.35
CA GLN E 86 17.32 -18.31 7.85
C GLN E 86 16.05 -18.35 6.99
N THR E 87 16.01 -19.24 6.00
CA THR E 87 14.81 -19.43 5.17
C THR E 87 14.22 -20.83 5.24
N PHE E 88 15.05 -21.84 5.54
CA PHE E 88 14.54 -23.20 5.75
C PHE E 88 14.86 -23.70 7.16
N LEU E 89 16.14 -23.59 7.56
CA LEU E 89 16.56 -23.96 8.90
C LEU E 89 16.11 -22.95 9.96
N SER F 3 -4.76 16.91 -16.19
CA SER F 3 -5.36 15.58 -15.90
C SER F 3 -4.31 14.60 -15.35
N GLU F 4 -4.36 14.35 -14.04
CA GLU F 4 -3.45 13.40 -13.39
C GLU F 4 -3.93 11.97 -13.54
N ASN F 5 -3.02 11.08 -13.95
CA ASN F 5 -3.29 9.65 -14.04
C ASN F 5 -2.09 8.87 -13.54
N TYR F 6 -2.30 8.02 -12.53
CA TYR F 6 -1.22 7.20 -11.99
C TYR F 6 -1.48 5.73 -12.22
N LEU F 7 -0.45 4.92 -12.02
CA LEU F 7 -0.47 3.53 -12.39
C LEU F 7 0.61 2.77 -11.64
N ASN F 8 0.29 1.57 -11.17
CA ASN F 8 1.25 0.77 -10.41
C ASN F 8 2.01 -0.22 -11.26
N HIS F 9 3.32 -0.02 -11.31
CA HIS F 9 4.21 -1.03 -11.86
C HIS F 9 4.52 -2.04 -10.76
N PRO F 10 4.65 -3.33 -11.12
CA PRO F 10 4.85 -4.33 -10.08
C PRO F 10 6.23 -4.27 -9.43
N THR F 11 7.21 -3.73 -10.16
CA THR F 11 8.58 -3.59 -9.65
C THR F 11 8.84 -2.20 -9.08
N PHE F 12 8.62 -1.19 -9.91
CA PHE F 12 9.00 0.18 -9.61
C PHE F 12 7.85 0.98 -8.98
N GLY F 13 6.76 0.30 -8.64
CA GLY F 13 5.65 0.94 -7.95
C GLY F 13 4.95 1.98 -8.81
N LEU F 14 4.64 3.12 -8.20
CA LEU F 14 3.75 4.11 -8.80
C LEU F 14 4.39 4.81 -9.98
N LEU F 15 3.62 4.94 -11.06
CA LEU F 15 4.04 5.62 -12.28
C LEU F 15 3.11 6.81 -12.55
N TYR F 16 3.66 7.87 -13.13
CA TYR F 16 2.87 9.06 -13.43
C TYR F 16 2.87 9.33 -14.94
N GLN F 17 1.75 9.83 -15.42
CA GLN F 17 1.54 10.00 -16.85
C GLN F 17 2.25 11.23 -17.38
N ILE F 18 3.04 11.04 -18.44
CA ILE F 18 3.76 12.13 -19.09
C ILE F 18 2.90 12.71 -20.20
N CYS F 19 2.45 11.84 -21.10
CA CYS F 19 1.50 12.23 -22.14
C CYS F 19 0.84 11.01 -22.78
N SER F 20 -0.05 11.28 -23.73
CA SER F 20 -0.76 10.26 -24.50
C SER F 20 -0.18 10.16 -25.92
N PHE F 21 0.30 8.97 -26.27
CA PHE F 21 0.94 8.71 -27.56
C PHE F 21 -0.08 8.18 -28.59
N GLY F 22 -1.28 7.85 -28.12
CA GLY F 22 -2.43 7.57 -28.98
C GLY F 22 -3.55 8.50 -28.52
N ASP F 23 -4.83 8.24 -28.79
CA ASP F 23 -5.41 7.02 -29.42
C ASP F 23 -5.51 5.65 -28.71
N SER F 24 -4.62 5.39 -27.76
CA SER F 24 -4.58 4.02 -27.21
C SER F 24 -3.37 3.78 -26.33
N LYS F 25 -2.21 4.28 -26.75
CA LYS F 25 -0.98 4.19 -25.97
C LYS F 25 -0.83 5.41 -25.09
N GLU F 26 -0.11 5.25 -23.99
CA GLU F 26 0.26 6.37 -23.14
C GLU F 26 1.65 6.13 -22.53
N LEU F 27 2.41 7.21 -22.38
CA LEU F 27 3.77 7.16 -21.85
C LEU F 27 3.73 7.45 -20.36
N PHE F 28 4.44 6.62 -19.59
CA PHE F 28 4.52 6.78 -18.14
C PHE F 28 5.97 6.75 -17.68
N ALA F 29 6.21 7.31 -16.50
CA ALA F 29 7.55 7.38 -15.94
C ALA F 29 7.55 7.01 -14.46
N THR F 30 8.70 6.57 -13.97
CA THR F 30 8.85 6.20 -12.57
C THR F 30 8.85 7.41 -11.67
N LEU F 31 8.10 7.33 -10.57
CA LEU F 31 8.02 8.41 -9.60
C LEU F 31 9.09 8.25 -8.51
N TYR F 32 9.34 7.00 -8.13
CA TYR F 32 10.32 6.68 -7.08
C TYR F 32 11.74 6.53 -7.58
N ALA F 33 11.89 6.14 -8.85
CA ALA F 33 13.20 6.03 -9.48
C ALA F 33 13.42 7.21 -10.44
N GLN F 34 14.66 7.63 -10.59
CA GLN F 34 15.03 8.72 -11.50
C GLN F 34 16.09 8.24 -12.51
N ARG F 35 15.69 7.82 -13.70
CA ARG F 35 14.29 7.75 -14.14
C ARG F 35 14.14 6.72 -15.25
N LEU F 36 12.99 6.04 -15.24
CA LEU F 36 12.68 5.01 -16.23
C LEU F 36 11.32 5.29 -16.84
N PHE F 37 11.18 4.93 -18.12
CA PHE F 37 9.98 5.25 -18.88
C PHE F 37 9.33 4.00 -19.42
N PHE F 38 8.01 4.06 -19.58
CA PHE F 38 7.24 2.91 -20.03
C PHE F 38 6.17 3.31 -21.01
N LEU F 39 5.94 2.44 -21.99
CA LEU F 39 4.94 2.66 -23.01
C LEU F 39 3.77 1.72 -22.73
N VAL F 40 2.74 2.27 -22.10
CA VAL F 40 1.64 1.45 -21.58
C VAL F 40 0.47 1.37 -22.55
N ALA F 41 -0.19 0.22 -22.54
CA ALA F 41 -1.38 -0.02 -23.36
C ALA F 41 -2.21 -1.15 -22.72
N PHE F 42 -3.47 -1.32 -23.12
CA PHE F 42 -4.29 -2.40 -22.53
C PHE F 42 -5.44 -2.78 -23.47
N ASP F 43 -5.72 -4.07 -23.69
CA ASP F 43 -4.65 -4.96 -24.17
C ASP F 43 -5.16 -6.05 -25.16
N ALA F 44 -5.91 -7.11 -24.79
CA ALA F 44 -5.90 -7.82 -23.49
C ALA F 44 -6.69 -7.17 -22.32
N ARG F 45 -7.03 -7.93 -21.27
CA ARG F 45 -6.56 -9.29 -20.96
C ARG F 45 -5.24 -9.30 -20.19
N GLY F 46 -5.00 -8.21 -19.45
CA GLY F 46 -3.75 -8.00 -18.74
C GLY F 46 -3.16 -6.70 -19.31
N THR F 47 -3.19 -5.62 -18.53
CA THR F 47 -2.63 -4.33 -18.95
C THR F 47 -1.14 -4.38 -19.29
N ARG F 48 -0.79 -4.01 -20.53
CA ARG F 48 0.57 -4.17 -21.06
C ARG F 48 1.47 -2.97 -20.74
N GLU F 50 5.65 -1.84 -21.61
CA GLU F 50 6.92 -2.10 -22.32
C GLU F 50 7.85 -0.89 -22.19
N PRO F 51 9.09 -1.12 -21.73
CA PRO F 51 9.98 -0.03 -21.36
C PRO F 51 10.73 0.54 -22.55
N ILE F 52 11.07 1.82 -22.46
CA ILE F 52 11.83 2.48 -23.50
C ILE F 52 12.85 3.43 -22.87
N GLY F 53 14.00 3.58 -23.52
CA GLY F 53 15.07 4.45 -23.02
C GLY F 53 14.66 5.91 -23.05
N ARG F 54 15.36 6.76 -22.31
CA ARG F 54 14.94 8.16 -22.16
C ARG F 54 15.05 8.95 -23.46
N ASN F 55 16.04 8.60 -24.28
CA ASN F 55 16.22 9.26 -25.56
C ASN F 55 15.06 8.96 -26.49
N GLU F 56 14.63 7.69 -26.49
CA GLU F 56 13.41 7.31 -27.17
C GLU F 56 12.24 8.16 -26.64
N ALA F 57 11.98 8.06 -25.33
CA ALA F 57 10.92 8.83 -24.65
C ALA F 57 10.97 10.31 -24.98
N ARG F 58 12.17 10.90 -24.86
CA ARG F 58 12.36 12.33 -25.13
C ARG F 58 11.90 12.68 -26.54
N MET F 59 12.23 11.80 -27.48
CA MET F 59 11.83 11.96 -28.87
C MET F 59 10.31 11.88 -29.03
N LEU F 60 9.72 10.86 -28.42
CA LEU F 60 8.28 10.64 -28.56
C LEU F 60 7.50 11.84 -28.06
N VAL F 61 7.94 12.40 -26.93
CA VAL F 61 7.28 13.57 -26.34
C VAL F 61 7.46 14.80 -27.26
N ASP F 62 8.62 14.92 -27.87
CA ASP F 62 8.89 15.99 -28.82
C ASP F 62 7.85 16.03 -29.94
N ASN F 63 7.67 14.92 -30.64
CA ASN F 63 6.80 14.87 -31.81
C ASN F 63 5.34 14.97 -31.42
N ARG F 64 5.02 14.50 -30.22
CA ARG F 64 3.70 14.74 -29.65
C ARG F 64 3.57 16.23 -29.38
N LEU F 65 4.60 16.82 -28.78
CA LEU F 65 4.65 18.26 -28.49
C LEU F 65 4.44 19.11 -29.73
N ARG F 66 5.03 18.70 -30.84
CA ARG F 66 4.82 19.36 -32.12
C ARG F 66 3.35 19.30 -32.54
N GLN F 67 2.92 18.12 -32.95
CA GLN F 67 1.49 17.87 -33.14
C GLN F 67 0.64 18.92 -32.46
N LEU F 68 1.01 19.28 -31.24
CA LEU F 68 0.08 19.28 -30.12
C LEU F 68 -0.36 20.68 -29.66
N ARG F 69 0.61 21.56 -29.47
CA ARG F 69 0.57 22.96 -29.89
C ARG F 69 1.13 23.12 -31.30
N ARG F 70 0.58 22.35 -32.23
CA ARG F 70 -0.86 22.23 -32.39
C ARG F 70 -1.28 22.48 -33.84
N GLN F 79 -16.92 24.13 -35.54
CA GLN F 79 -16.74 24.77 -36.84
C GLN F 79 -16.56 23.67 -37.92
N LEU F 80 -15.58 22.80 -37.73
CA LEU F 80 -15.24 21.81 -38.72
C LEU F 80 -16.40 20.89 -39.01
N GLN F 81 -17.20 20.57 -38.01
CA GLN F 81 -18.32 19.68 -38.24
C GLN F 81 -19.36 20.33 -39.12
N GLN F 82 -19.54 21.62 -38.89
CA GLN F 82 -20.50 22.35 -39.64
C GLN F 82 -20.10 22.26 -41.08
N VAL F 83 -18.80 22.36 -41.33
CA VAL F 83 -18.37 22.28 -42.70
C VAL F 83 -18.53 20.86 -43.19
N PHE F 84 -18.20 19.91 -42.34
CA PHE F 84 -18.34 18.60 -42.81
C PHE F 84 -19.74 18.28 -43.26
N LYS F 85 -20.72 18.81 -42.54
CA LYS F 85 -22.12 18.55 -42.82
C LYS F 85 -22.57 19.21 -44.12
N GLN F 86 -22.04 20.40 -44.45
CA GLN F 86 -22.21 21.30 -45.57
C GLN F 86 -21.50 20.73 -46.80
N THR F 87 -20.40 20.03 -46.56
CA THR F 87 -19.59 19.53 -47.66
C THR F 87 -19.95 18.11 -48.08
N PHE F 88 -20.37 17.27 -47.14
CA PHE F 88 -20.50 15.85 -47.42
C PHE F 88 -21.90 15.26 -47.13
N LEU F 89 -22.62 15.93 -46.25
CA LEU F 89 -23.94 15.50 -45.89
C LEU F 89 -24.87 16.32 -46.76
#